data_3TSO
#
_entry.id   3TSO
#
_cell.length_a   43.310
_cell.length_b   64.210
_cell.length_c   65.940
_cell.angle_alpha   113.25
_cell.angle_beta   107.24
_cell.angle_gamma   99.46
#
_symmetry.space_group_name_H-M   'P 1'
#
loop_
_entity.id
_entity.type
_entity.pdbx_description
1 polymer 'Ras-related protein Rab-25'
2 polymer 'Rab11 family-interacting protein 2'
3 non-polymer 'MAGNESIUM ION'
4 non-polymer 'PHOSPHOAMINOPHOSPHONIC ACID-GUANYLATE ESTER'
5 non-polymer GLYCEROL
6 non-polymer 'PHOSPHATE ION'
7 water water
#
loop_
_entity_poly.entity_id
_entity_poly.type
_entity_poly.pdbx_seq_one_letter_code
_entity_poly.pdbx_strand_id
1 'polypeptide(L)'
;GSHMEDYNFVFKVVLIGESGVGKTNLLSRFTRNEFSHDSRTTIGVEFSTRTVMLGTAAVKAQIWDTAGLERYRAITSAYY
RGAVGALLVFDLTKHQTYAVVERWLKELYDHAEATIVVMLVGNKSDLSQAREVPTEEARMFAENNGLLFLETSALDSTNV
ELAFETVLKEIFAKVSKQ
;
A,B
2 'polypeptide(L)' SMNPFDATAGYRSLTYEEVLQELVKHKELLRRKDTHIRELEDYIDNLLVRVMEETPSILRVPYEPSRKAGKFSNS C,D
#
loop_
_chem_comp.id
_chem_comp.type
_chem_comp.name
_chem_comp.formula
GNP non-polymer 'PHOSPHOAMINOPHOSPHONIC ACID-GUANYLATE ESTER' 'C10 H17 N6 O13 P3'
GOL non-polymer GLYCEROL 'C3 H8 O3'
MG non-polymer 'MAGNESIUM ION' 'Mg 2'
PO4 non-polymer 'PHOSPHATE ION' 'O4 P -3'
#
# COMPACT_ATOMS: atom_id res chain seq x y z
N ASN A 8 34.25 -4.09 -7.82
CA ASN A 8 32.99 -4.13 -8.67
C ASN A 8 32.01 -2.99 -8.44
N PHE A 9 30.98 -2.90 -9.26
CA PHE A 9 30.20 -1.67 -9.26
C PHE A 9 28.73 -1.96 -9.18
N VAL A 10 28.01 -1.05 -8.52
CA VAL A 10 26.53 -1.09 -8.55
C VAL A 10 26.07 0.24 -9.08
N PHE A 11 25.42 0.25 -10.25
CA PHE A 11 24.93 1.49 -10.85
C PHE A 11 23.43 1.53 -10.78
N LYS A 12 22.88 2.55 -10.12
CA LYS A 12 21.44 2.73 -10.08
C LYS A 12 20.94 3.44 -11.31
N VAL A 13 19.92 2.85 -11.96
CA VAL A 13 19.38 3.35 -13.22
C VAL A 13 17.87 3.47 -13.05
N VAL A 14 17.26 4.58 -13.46
CA VAL A 14 15.78 4.70 -13.29
C VAL A 14 15.14 4.71 -14.68
N LEU A 15 13.89 4.24 -14.73
CA LEU A 15 13.07 4.26 -15.89
C LEU A 15 12.05 5.34 -15.67
N ILE A 16 11.92 6.23 -16.62
CA ILE A 16 10.97 7.31 -16.50
C ILE A 16 10.21 7.53 -17.81
N GLY A 17 9.10 8.23 -17.78
CA GLY A 17 8.33 8.43 -19.05
C GLY A 17 6.84 8.08 -18.84
N GLU A 18 5.99 8.37 -19.82
CA GLU A 18 4.54 8.34 -19.61
C GLU A 18 4.01 7.00 -19.30
N SER A 19 2.93 6.94 -18.53
CA SER A 19 2.22 5.67 -18.36
C SER A 19 1.91 5.00 -19.71
N GLY A 20 2.12 3.68 -19.81
CA GLY A 20 1.76 2.90 -20.99
C GLY A 20 2.87 2.71 -22.02
N VAL A 21 4.04 3.33 -21.85
CA VAL A 21 5.08 3.31 -22.91
C VAL A 21 5.83 1.96 -22.93
N GLY A 22 5.81 1.22 -21.80
CA GLY A 22 6.48 -0.07 -21.70
C GLY A 22 7.67 -0.14 -20.69
N LYS A 23 7.69 0.75 -19.68
CA LYS A 23 8.82 0.80 -18.74
C LYS A 23 8.99 -0.55 -18.03
N THR A 24 7.88 -1.09 -17.50
CA THR A 24 7.88 -2.28 -16.65
C THR A 24 8.32 -3.46 -17.49
N ASN A 25 7.82 -3.52 -18.73
CA ASN A 25 8.22 -4.62 -19.67
C ASN A 25 9.64 -4.52 -20.18
N LEU A 26 10.16 -3.28 -20.31
CA LEU A 26 11.58 -3.21 -20.66
C LEU A 26 12.38 -3.70 -19.48
N LEU A 27 11.98 -3.36 -18.28
CA LEU A 27 12.74 -3.82 -17.13
C LEU A 27 12.66 -5.36 -17.04
N SER A 28 11.46 -5.93 -17.19
CA SER A 28 11.38 -7.44 -17.06
C SER A 28 12.12 -8.19 -18.20
N ARG A 29 11.99 -7.66 -19.40
CA ARG A 29 12.67 -8.22 -20.53
C ARG A 29 14.19 -8.17 -20.30
N PHE A 30 14.76 -7.04 -19.88
CA PHE A 30 16.22 -7.05 -19.61
C PHE A 30 16.62 -7.97 -18.40
N THR A 31 15.89 -7.87 -17.30
CA THR A 31 16.49 -8.46 -16.08
C THR A 31 16.00 -9.91 -15.94
N ARG A 32 14.88 -10.23 -16.57
CA ARG A 32 14.29 -11.58 -16.41
C ARG A 32 14.05 -12.33 -17.74
N ASN A 33 14.13 -11.63 -18.85
CA ASN A 33 13.79 -12.15 -20.18
C ASN A 33 12.32 -12.54 -20.21
N GLU A 34 11.51 -11.71 -19.56
CA GLU A 34 10.06 -11.92 -19.49
C GLU A 34 9.29 -10.72 -19.94
N PHE A 35 8.07 -10.94 -20.42
CA PHE A 35 7.28 -9.89 -20.96
C PHE A 35 5.84 -10.31 -20.66
N SER A 36 5.00 -9.29 -20.40
CA SER A 36 3.60 -9.60 -20.09
C SER A 36 2.70 -8.68 -20.91
N HIS A 37 1.62 -9.20 -21.47
CA HIS A 37 0.56 -8.36 -22.13
C HIS A 37 -0.38 -7.55 -21.16
N ASP A 38 -0.39 -7.86 -19.86
CA ASP A 38 -1.21 -7.16 -18.80
C ASP A 38 -1.00 -5.64 -18.93
N SER A 39 -2.08 -4.87 -19.06
CA SER A 39 -1.94 -3.41 -19.36
C SER A 39 -2.00 -2.47 -18.12
N ARG A 40 -2.05 -3.08 -16.94
CA ARG A 40 -2.09 -2.38 -15.69
C ARG A 40 -0.87 -1.54 -15.27
N THR A 41 -1.22 -0.31 -14.91
CA THR A 41 -0.27 0.64 -14.42
C THR A 41 0.39 0.09 -13.17
N THR A 42 1.69 0.37 -13.06
CA THR A 42 2.47 -0.08 -11.93
C THR A 42 1.98 0.60 -10.62
N ILE A 43 1.84 -0.20 -9.60
CA ILE A 43 1.60 0.29 -8.28
C ILE A 43 2.90 0.29 -7.50
N GLY A 44 3.19 1.40 -6.86
CA GLY A 44 4.34 1.41 -6.00
C GLY A 44 5.64 1.65 -6.73
N VAL A 45 6.70 1.10 -6.16
CA VAL A 45 8.03 1.26 -6.73
C VAL A 45 8.68 -0.10 -6.57
N GLU A 46 9.47 -0.52 -7.58
CA GLU A 46 10.12 -1.87 -7.61
C GLU A 46 11.45 -1.69 -8.27
N PHE A 47 12.42 -2.63 -8.11
CA PHE A 47 13.68 -2.59 -8.89
C PHE A 47 14.06 -4.06 -9.17
N SER A 48 14.79 -4.24 -10.26
CA SER A 48 15.36 -5.53 -10.59
C SER A 48 16.82 -5.31 -11.00
N THR A 49 17.61 -6.37 -10.95
CA THR A 49 19.01 -6.24 -11.20
C THR A 49 19.47 -7.16 -12.32
N ARG A 50 20.51 -6.70 -12.97
CA ARG A 50 21.26 -7.57 -13.88
C ARG A 50 22.72 -7.19 -13.86
N THR A 51 23.56 -8.20 -13.79
CA THR A 51 25.02 -7.99 -13.70
C THR A 51 25.71 -8.33 -15.04
N VAL A 52 26.47 -7.40 -15.60
CA VAL A 52 27.24 -7.61 -16.85
C VAL A 52 28.74 -7.47 -16.53
N MET A 53 29.57 -8.03 -17.39
CA MET A 53 30.98 -7.70 -17.32
C MET A 53 31.37 -6.63 -18.34
N LEU A 54 31.84 -5.50 -17.82
CA LEU A 54 32.38 -4.42 -18.65
C LEU A 54 33.89 -4.39 -18.48
N GLY A 55 34.58 -4.79 -19.53
CA GLY A 55 36.04 -4.88 -19.51
C GLY A 55 36.39 -5.95 -18.51
N THR A 56 36.98 -5.55 -17.39
CA THR A 56 37.37 -6.53 -16.35
C THR A 56 36.54 -6.37 -15.06
N ALA A 57 35.59 -5.43 -15.03
CA ALA A 57 34.73 -5.17 -13.88
C ALA A 57 33.38 -5.89 -13.99
N ALA A 58 32.92 -6.45 -12.88
CA ALA A 58 31.55 -6.98 -12.76
C ALA A 58 30.71 -5.75 -12.39
N VAL A 59 29.77 -5.40 -13.26
CA VAL A 59 28.94 -4.24 -13.03
C VAL A 59 27.45 -4.65 -12.86
N LYS A 60 26.89 -4.45 -11.67
CA LYS A 60 25.47 -4.67 -11.37
C LYS A 60 24.60 -3.44 -11.70
N ALA A 61 23.64 -3.63 -12.60
CA ALA A 61 22.68 -2.57 -12.92
C ALA A 61 21.53 -2.82 -11.93
N GLN A 62 21.13 -1.79 -11.17
CA GLN A 62 20.01 -1.90 -10.23
C GLN A 62 18.95 -0.94 -10.80
N ILE A 63 17.96 -1.50 -11.47
CA ILE A 63 17.12 -0.65 -12.37
C ILE A 63 15.72 -0.58 -11.68
N TRP A 64 15.29 0.67 -11.47
CA TRP A 64 14.10 1.02 -10.70
C TRP A 64 12.95 1.36 -11.68
N ASP A 65 11.73 1.12 -11.21
CA ASP A 65 10.52 1.27 -11.97
C ASP A 65 9.43 1.80 -11.08
N THR A 66 8.61 2.69 -11.66
CA THR A 66 7.39 3.14 -10.95
C THR A 66 6.48 3.67 -12.06
N ALA A 67 5.22 3.91 -11.72
CA ALA A 67 4.31 4.37 -12.74
C ALA A 67 4.71 5.83 -13.20
N GLY A 68 4.52 6.12 -14.49
CA GLY A 68 4.88 7.39 -15.10
C GLY A 68 3.87 8.52 -14.78
N LEU A 69 3.71 8.87 -13.52
CA LEU A 69 2.68 9.86 -13.13
C LEU A 69 3.28 11.26 -13.01
N GLU A 70 2.57 12.24 -13.54
CA GLU A 70 3.03 13.64 -13.53
C GLU A 70 2.92 14.26 -12.14
N ARG A 71 1.85 13.95 -11.39
CA ARG A 71 1.61 14.59 -10.08
C ARG A 71 2.71 14.39 -9.08
N TYR A 72 2.80 15.32 -8.14
CA TYR A 72 3.75 15.23 -7.02
C TYR A 72 3.53 13.87 -6.33
N ARG A 73 4.62 13.20 -5.96
CA ARG A 73 4.50 11.98 -5.14
C ARG A 73 5.58 12.06 -4.09
N ALA A 74 5.26 11.60 -2.88
CA ALA A 74 6.26 11.45 -1.80
C ALA A 74 7.50 10.62 -2.17
N ILE A 75 7.32 9.65 -3.09
CA ILE A 75 8.44 8.71 -3.40
C ILE A 75 9.42 9.25 -4.44
N THR A 76 9.10 10.39 -5.07
CA THR A 76 9.97 10.93 -6.14
C THR A 76 11.42 11.16 -5.78
N SER A 77 11.71 11.93 -4.73
CA SER A 77 13.11 12.15 -4.34
C SER A 77 13.92 10.89 -4.18
N ALA A 78 13.38 9.95 -3.42
CA ALA A 78 14.11 8.66 -3.08
C ALA A 78 14.17 7.81 -4.36
N TYR A 79 13.20 7.98 -5.25
CA TYR A 79 13.23 7.23 -6.52
C TYR A 79 14.47 7.61 -7.33
N TYR A 80 14.71 8.92 -7.54
CA TYR A 80 15.92 9.42 -8.24
C TYR A 80 17.24 9.40 -7.44
N ARG A 81 17.15 9.41 -6.10
CA ARG A 81 18.35 9.53 -5.25
C ARG A 81 19.42 8.49 -5.61
N GLY A 82 20.62 8.97 -5.98
CA GLY A 82 21.72 8.05 -6.20
C GLY A 82 21.78 7.52 -7.63
N ALA A 83 20.77 7.86 -8.45
CA ALA A 83 20.75 7.39 -9.85
C ALA A 83 21.94 7.89 -10.64
N VAL A 84 22.58 6.99 -11.40
CA VAL A 84 23.66 7.35 -12.33
C VAL A 84 23.33 7.23 -13.82
N GLY A 85 22.09 6.84 -14.11
CA GLY A 85 21.61 6.66 -15.49
C GLY A 85 20.07 6.70 -15.46
N ALA A 86 19.46 6.94 -16.63
CA ALA A 86 18.04 7.02 -16.75
C ALA A 86 17.74 6.59 -18.16
N LEU A 87 16.69 5.79 -18.31
CA LEU A 87 16.09 5.58 -19.65
C LEU A 87 14.79 6.34 -19.65
N LEU A 88 14.68 7.34 -20.53
CA LEU A 88 13.44 8.05 -20.65
C LEU A 88 12.66 7.45 -21.86
N VAL A 89 11.52 6.81 -21.62
CA VAL A 89 10.93 6.01 -22.67
C VAL A 89 9.63 6.70 -23.19
N PHE A 90 9.40 6.56 -24.47
CA PHE A 90 8.12 6.90 -25.09
C PHE A 90 7.71 5.69 -25.97
N ASP A 91 6.44 5.73 -26.44
CA ASP A 91 5.84 4.72 -27.32
C ASP A 91 5.92 5.42 -28.68
N LEU A 92 6.64 4.82 -29.63
CA LEU A 92 6.81 5.45 -30.94
C LEU A 92 5.45 5.45 -31.75
N THR A 93 4.47 4.67 -31.27
CA THR A 93 3.11 4.72 -31.85
C THR A 93 2.19 5.77 -31.20
N LYS A 94 2.65 6.56 -30.23
CA LYS A 94 1.74 7.50 -29.56
C LYS A 94 2.44 8.81 -29.40
N HIS A 95 2.24 9.71 -30.36
CA HIS A 95 2.93 11.00 -30.37
C HIS A 95 2.92 11.75 -29.04
N GLN A 96 1.82 11.69 -28.30
CA GLN A 96 1.69 12.43 -27.02
C GLN A 96 2.81 12.00 -26.04
N THR A 97 3.18 10.71 -26.06
CA THR A 97 4.22 10.24 -25.11
C THR A 97 5.59 10.87 -25.40
N TYR A 98 5.79 11.26 -26.66
CA TYR A 98 7.03 11.91 -27.10
C TYR A 98 7.00 13.42 -26.82
N ALA A 99 5.85 14.04 -27.08
CA ALA A 99 5.62 15.45 -26.84
C ALA A 99 5.97 15.84 -25.40
N VAL A 100 5.80 14.94 -24.42
CA VAL A 100 6.04 15.28 -23.04
C VAL A 100 7.47 14.95 -22.57
N VAL A 101 8.36 14.57 -23.48
CA VAL A 101 9.73 14.16 -23.09
C VAL A 101 10.47 15.26 -22.36
N GLU A 102 10.31 16.51 -22.82
CA GLU A 102 11.00 17.57 -22.16
C GLU A 102 10.48 17.87 -20.75
N ARG A 103 9.21 17.56 -20.49
CA ARG A 103 8.71 17.71 -19.12
C ARG A 103 9.37 16.62 -18.20
N TRP A 104 9.59 15.44 -18.76
CA TRP A 104 10.30 14.36 -18.06
C TRP A 104 11.77 14.71 -17.79
N LEU A 105 12.42 15.30 -18.77
CA LEU A 105 13.81 15.71 -18.58
C LEU A 105 13.86 16.77 -17.51
N LYS A 106 12.91 17.70 -17.50
CA LYS A 106 12.88 18.74 -16.49
C LYS A 106 12.81 18.14 -15.08
N GLU A 107 11.97 17.13 -14.92
CA GLU A 107 11.77 16.53 -13.62
C GLU A 107 13.07 15.82 -13.26
N LEU A 108 13.69 15.14 -14.23
CA LEU A 108 14.94 14.37 -14.03
C LEU A 108 16.03 15.27 -13.50
N TYR A 109 16.15 16.48 -14.10
CA TYR A 109 17.20 17.41 -13.68
C TYR A 109 16.84 18.26 -12.45
N ASP A 110 15.60 18.18 -11.98
CA ASP A 110 15.29 18.59 -10.60
C ASP A 110 15.75 17.61 -9.51
N HIS A 111 16.19 16.39 -9.90
CA HIS A 111 16.57 15.34 -8.94
C HIS A 111 17.88 14.63 -9.17
N ALA A 112 18.60 15.04 -10.19
CA ALA A 112 19.83 14.33 -10.57
C ALA A 112 20.75 15.37 -11.21
N GLU A 113 22.06 15.09 -11.22
CA GLU A 113 23.02 16.06 -11.77
C GLU A 113 22.81 16.21 -13.26
N ALA A 114 23.14 17.38 -13.80
CA ALA A 114 22.85 17.69 -15.21
C ALA A 114 23.50 16.75 -16.22
N THR A 115 24.60 16.12 -15.82
CA THR A 115 25.31 15.28 -16.74
C THR A 115 25.09 13.80 -16.48
N ILE A 116 24.02 13.44 -15.78
CA ILE A 116 23.65 11.99 -15.69
C ILE A 116 23.52 11.39 -17.11
N VAL A 117 23.94 10.15 -17.29
CA VAL A 117 23.78 9.41 -18.56
C VAL A 117 22.29 9.13 -18.76
N VAL A 118 21.78 9.56 -19.90
CA VAL A 118 20.39 9.37 -20.26
C VAL A 118 20.29 8.80 -21.67
N MET A 119 19.42 7.79 -21.79
CA MET A 119 18.96 7.29 -23.05
C MET A 119 17.47 7.58 -23.28
N LEU A 120 17.18 8.29 -24.37
CA LEU A 120 15.83 8.39 -24.92
C LEU A 120 15.53 7.08 -25.67
N VAL A 121 14.45 6.43 -25.27
CA VAL A 121 14.08 5.13 -25.85
C VAL A 121 12.70 5.22 -26.52
N GLY A 122 12.64 4.87 -27.80
CA GLY A 122 11.34 4.80 -28.48
C GLY A 122 10.92 3.37 -28.50
N ASN A 123 9.99 3.05 -27.61
CA ASN A 123 9.62 1.68 -27.44
C ASN A 123 8.43 1.25 -28.33
N LYS A 124 8.18 -0.05 -28.38
CA LYS A 124 7.09 -0.72 -29.20
C LYS A 124 7.39 -0.73 -30.71
N SER A 125 8.65 -0.98 -31.06
CA SER A 125 9.04 -1.06 -32.47
C SER A 125 8.36 -2.16 -33.29
N ASP A 126 7.85 -3.20 -32.65
CA ASP A 126 7.10 -4.24 -33.37
C ASP A 126 5.70 -3.74 -33.81
N LEU A 127 5.30 -2.57 -33.32
CA LEU A 127 4.05 -1.93 -33.77
C LEU A 127 4.34 -0.78 -34.77
N SER A 128 5.47 -0.82 -35.45
CA SER A 128 5.87 0.38 -36.26
C SER A 128 4.95 0.67 -37.48
N GLN A 129 4.01 -0.22 -37.77
CA GLN A 129 3.08 0.01 -38.89
C GLN A 129 2.16 1.15 -38.45
N ALA A 130 2.08 1.33 -37.13
CA ALA A 130 1.32 2.42 -36.55
C ALA A 130 2.21 3.51 -35.92
N ARG A 131 3.46 3.65 -36.39
CA ARG A 131 4.38 4.71 -35.96
C ARG A 131 3.78 6.11 -36.04
N GLU A 132 3.97 6.92 -35.00
CA GLU A 132 3.62 8.37 -35.03
C GLU A 132 4.79 9.28 -34.74
N VAL A 133 5.89 8.68 -34.32
CA VAL A 133 7.11 9.43 -34.10
C VAL A 133 8.24 8.96 -35.02
N PRO A 134 8.65 9.86 -35.97
CA PRO A 134 9.73 9.56 -36.89
C PRO A 134 11.05 9.27 -36.13
N THR A 135 11.74 8.20 -36.49
CA THR A 135 13.05 7.86 -35.93
C THR A 135 14.02 9.02 -36.01
N GLU A 136 14.16 9.60 -37.20
CA GLU A 136 15.09 10.74 -37.36
C GLU A 136 14.82 11.95 -36.43
N GLU A 137 13.55 12.27 -36.23
CA GLU A 137 13.15 13.40 -35.43
C GLU A 137 13.57 13.19 -33.93
N ALA A 138 13.21 12.03 -33.36
CA ALA A 138 13.63 11.73 -32.00
C ALA A 138 15.17 11.53 -31.90
N ARG A 139 15.80 10.95 -32.90
CA ARG A 139 17.24 10.83 -32.91
C ARG A 139 17.88 12.21 -32.86
N MET A 140 17.32 13.13 -33.60
CA MET A 140 17.85 14.48 -33.70
C MET A 140 17.66 15.20 -32.38
N PHE A 141 16.46 15.14 -31.82
CA PHE A 141 16.24 15.64 -30.47
C PHE A 141 17.23 15.02 -29.48
N ALA A 142 17.47 13.72 -29.55
CA ALA A 142 18.38 13.14 -28.54
C ALA A 142 19.75 13.82 -28.72
N GLU A 143 20.25 13.81 -29.95
CA GLU A 143 21.55 14.45 -30.26
C GLU A 143 21.69 15.88 -29.77
N ASN A 144 20.70 16.73 -30.07
CA ASN A 144 20.71 18.10 -29.59
C ASN A 144 20.63 18.31 -28.06
N ASN A 145 20.26 17.26 -27.31
CA ASN A 145 20.10 17.41 -25.86
C ASN A 145 21.07 16.57 -25.04
N GLY A 146 22.04 15.96 -25.72
CA GLY A 146 23.08 15.17 -25.06
C GLY A 146 22.52 13.85 -24.52
N LEU A 147 21.55 13.26 -25.22
CA LEU A 147 20.94 11.98 -24.82
C LEU A 147 21.36 10.88 -25.79
N LEU A 148 21.48 9.60 -25.35
CA LEU A 148 21.59 8.49 -26.27
C LEU A 148 20.21 8.23 -26.88
N PHE A 149 20.16 7.42 -27.90
CA PHE A 149 18.85 7.03 -28.50
C PHE A 149 18.82 5.69 -29.18
N LEU A 150 17.72 4.97 -28.98
CA LEU A 150 17.45 3.69 -29.60
C LEU A 150 15.93 3.45 -29.65
N GLU A 151 15.48 2.63 -30.62
CA GLU A 151 14.11 2.14 -30.63
C GLU A 151 14.15 0.70 -30.22
N THR A 152 13.24 0.32 -29.34
CA THR A 152 13.22 -1.01 -28.79
C THR A 152 11.87 -1.67 -28.98
N SER A 153 11.80 -2.98 -28.71
CA SER A 153 10.58 -3.73 -28.50
C SER A 153 10.76 -4.64 -27.32
N ALA A 154 10.09 -4.33 -26.21
CA ALA A 154 10.11 -5.25 -25.12
C ALA A 154 9.43 -6.55 -25.50
N LEU A 155 8.45 -6.54 -26.43
CA LEU A 155 7.75 -7.81 -26.83
C LEU A 155 8.66 -8.84 -27.57
N ASP A 156 9.31 -8.41 -28.63
CA ASP A 156 10.19 -9.32 -29.38
C ASP A 156 11.69 -9.17 -29.08
N SER A 157 12.03 -8.29 -28.12
CA SER A 157 13.41 -8.12 -27.61
C SER A 157 14.33 -7.14 -28.32
N THR A 158 13.97 -6.73 -29.54
CA THR A 158 14.81 -5.83 -30.36
C THR A 158 15.44 -4.66 -29.58
N ASN A 159 16.77 -4.69 -29.59
CA ASN A 159 17.61 -3.69 -28.96
C ASN A 159 17.43 -3.49 -27.43
N VAL A 160 16.71 -4.35 -26.72
CA VAL A 160 16.53 -4.15 -25.26
C VAL A 160 17.89 -4.28 -24.53
N GLU A 161 18.59 -5.38 -24.78
CA GLU A 161 19.93 -5.48 -24.19
C GLU A 161 20.86 -4.29 -24.57
N LEU A 162 20.91 -3.96 -25.85
CA LEU A 162 21.75 -2.88 -26.29
C LEU A 162 21.45 -1.57 -25.55
N ALA A 163 20.16 -1.29 -25.32
CA ALA A 163 19.72 -0.07 -24.71
C ALA A 163 20.32 0.03 -23.29
N PHE A 164 20.07 -0.99 -22.49
CA PHE A 164 20.58 -0.90 -21.10
C PHE A 164 22.08 -1.07 -21.03
N GLU A 165 22.65 -1.99 -21.83
CA GLU A 165 24.16 -2.17 -21.84
C GLU A 165 24.89 -0.93 -22.34
N THR A 166 24.29 -0.22 -23.30
CA THR A 166 24.91 1.08 -23.73
C THR A 166 24.91 2.10 -22.58
N VAL A 167 23.83 2.17 -21.79
CA VAL A 167 23.77 3.14 -20.68
C VAL A 167 24.85 2.67 -19.69
N LEU A 168 24.94 1.40 -19.38
CA LEU A 168 25.93 1.00 -18.36
C LEU A 168 27.35 1.34 -18.82
N LYS A 169 27.63 1.11 -20.11
CA LYS A 169 28.97 1.36 -20.71
C LYS A 169 29.31 2.85 -20.57
N GLU A 170 28.38 3.70 -20.87
CA GLU A 170 28.64 5.16 -20.67
C GLU A 170 28.86 5.60 -19.22
N ILE A 171 28.08 5.06 -18.29
CA ILE A 171 28.23 5.38 -16.88
C ILE A 171 29.63 4.93 -16.44
N PHE A 172 29.99 3.72 -16.86
CA PHE A 172 31.27 3.09 -16.54
C PHE A 172 32.46 3.92 -17.07
N ALA A 173 32.33 4.43 -18.30
CA ALA A 173 33.34 5.25 -18.92
C ALA A 173 33.54 6.51 -18.09
N LYS A 174 32.46 7.09 -17.67
CA LYS A 174 32.45 8.33 -16.98
C LYS A 174 32.91 8.21 -15.56
N VAL A 175 32.82 7.03 -15.02
CA VAL A 175 33.07 6.83 -13.62
C VAL A 175 34.50 6.39 -13.45
N SER A 176 35.05 5.81 -14.48
CA SER A 176 36.45 5.51 -14.44
C SER A 176 37.22 6.35 -15.46
N PHE B 9 10.37 -7.22 29.54
CA PHE B 9 9.20 -7.92 29.00
C PHE B 9 8.59 -7.02 27.92
N VAL B 10 8.40 -7.61 26.74
CA VAL B 10 7.66 -6.94 25.67
C VAL B 10 6.60 -7.96 25.24
N PHE B 11 5.33 -7.54 25.36
CA PHE B 11 4.18 -8.35 25.10
C PHE B 11 3.46 -7.79 23.88
N LYS B 12 3.37 -8.61 22.85
CA LYS B 12 2.65 -8.22 21.63
C LYS B 12 1.18 -8.46 21.90
N VAL B 13 0.37 -7.41 21.71
CA VAL B 13 -1.07 -7.51 21.90
C VAL B 13 -1.77 -7.06 20.59
N VAL B 14 -2.79 -7.80 20.14
CA VAL B 14 -3.53 -7.42 18.93
C VAL B 14 -4.93 -6.93 19.20
N LEU B 15 -5.41 -6.01 18.35
CA LEU B 15 -6.78 -5.55 18.50
C LEU B 15 -7.54 -6.17 17.35
N ILE B 16 -8.66 -6.86 17.66
N ILE B 16 -8.67 -6.81 17.64
CA ILE B 16 -9.53 -7.49 16.65
CA ILE B 16 -9.52 -7.43 16.61
C ILE B 16 -10.99 -7.05 16.86
C ILE B 16 -10.99 -7.06 16.86
N GLY B 17 -11.80 -7.11 15.81
CA GLY B 17 -13.24 -6.87 15.93
C GLY B 17 -13.68 -6.14 14.68
N GLU B 18 -14.99 -5.98 14.49
CA GLU B 18 -15.56 -5.27 13.31
C GLU B 18 -15.09 -3.86 13.06
N SER B 19 -15.05 -3.45 11.80
CA SER B 19 -14.86 -2.04 11.47
C SER B 19 -15.84 -1.17 12.26
N GLY B 20 -15.36 -0.05 12.77
CA GLY B 20 -16.23 0.96 13.42
C GLY B 20 -16.36 0.84 14.93
N VAL B 21 -15.91 -0.28 15.51
CA VAL B 21 -16.21 -0.53 16.96
C VAL B 21 -15.37 0.33 17.91
N GLY B 22 -14.24 0.84 17.43
CA GLY B 22 -13.36 1.75 18.21
C GLY B 22 -11.92 1.27 18.49
N LYS B 23 -11.43 0.29 17.71
CA LYS B 23 -10.07 -0.29 17.96
C LYS B 23 -8.97 0.73 17.94
N THR B 24 -8.98 1.56 16.89
CA THR B 24 -7.93 2.54 16.67
C THR B 24 -7.98 3.62 17.77
N ASN B 25 -9.20 4.06 18.16
CA ASN B 25 -9.29 5.00 19.29
C ASN B 25 -9.01 4.37 20.67
N LEU B 26 -9.27 3.11 20.85
CA LEU B 26 -8.79 2.47 22.09
C LEU B 26 -7.27 2.45 22.11
N LEU B 27 -6.62 2.21 20.98
CA LEU B 27 -5.16 2.22 20.92
C LEU B 27 -4.64 3.60 21.24
N SER B 28 -5.21 4.60 20.59
CA SER B 28 -4.64 5.95 20.75
C SER B 28 -4.94 6.46 22.18
N ARG B 29 -6.12 6.18 22.70
CA ARG B 29 -6.42 6.50 24.11
C ARG B 29 -5.42 5.86 25.05
N PHE B 30 -5.25 4.54 24.96
CA PHE B 30 -4.32 3.96 25.90
C PHE B 30 -2.89 4.45 25.66
N THR B 31 -2.42 4.55 24.40
CA THR B 31 -0.98 4.80 24.22
C THR B 31 -0.58 6.25 24.19
N ARG B 32 -1.47 7.12 23.71
CA ARG B 32 -1.13 8.55 23.71
C ARG B 32 -2.14 9.45 24.47
N ASN B 33 -3.17 8.85 25.06
CA ASN B 33 -4.28 9.61 25.66
C ASN B 33 -4.89 10.58 24.69
N GLU B 34 -5.18 10.12 23.48
CA GLU B 34 -5.73 10.95 22.43
C GLU B 34 -6.87 10.16 21.83
N PHE B 35 -7.81 10.92 21.27
CA PHE B 35 -9.01 10.38 20.72
C PHE B 35 -9.37 11.27 19.50
N SER B 36 -9.97 10.67 18.49
CA SER B 36 -10.41 11.48 17.36
C SER B 36 -11.83 11.11 17.09
N HIS B 37 -12.70 12.13 17.11
CA HIS B 37 -14.11 11.87 16.85
C HIS B 37 -14.29 11.45 15.37
N ASP B 38 -13.33 11.81 14.51
CA ASP B 38 -13.46 11.67 13.04
C ASP B 38 -12.97 10.36 12.41
N SER B 39 -12.20 9.56 13.15
CA SER B 39 -11.35 8.56 12.45
C SER B 39 -12.10 7.74 11.37
N ARG B 40 -11.40 7.46 10.27
CA ARG B 40 -11.90 6.68 9.13
C ARG B 40 -11.32 5.29 9.27
N THR B 41 -11.79 4.36 8.45
CA THR B 41 -11.29 2.96 8.56
C THR B 41 -9.79 2.94 8.40
N THR B 42 -9.11 2.09 9.16
CA THR B 42 -7.67 2.03 9.09
C THR B 42 -7.16 1.36 7.79
N ILE B 43 -6.09 1.96 7.25
CA ILE B 43 -5.34 1.47 6.09
C ILE B 43 -4.10 0.77 6.66
N GLY B 44 -3.88 -0.46 6.18
CA GLY B 44 -2.67 -1.24 6.44
C GLY B 44 -2.62 -1.70 7.88
N VAL B 45 -1.43 -1.59 8.47
CA VAL B 45 -1.20 -2.21 9.80
C VAL B 45 -0.25 -1.24 10.49
N GLU B 46 -0.53 -0.94 11.77
CA GLU B 46 0.36 -0.14 12.58
C GLU B 46 0.31 -0.66 14.01
N PHE B 47 1.23 -0.15 14.81
CA PHE B 47 1.26 -0.46 16.23
C PHE B 47 1.76 0.74 17.03
N SER B 48 1.36 0.81 18.31
CA SER B 48 1.84 1.85 19.23
C SER B 48 2.22 1.16 20.52
N THR B 49 3.04 1.81 21.33
CA THR B 49 3.50 1.18 22.56
C THR B 49 3.22 2.06 23.80
N ARG B 50 3.11 1.39 24.93
CA ARG B 50 3.05 2.01 26.24
C ARG B 50 3.72 1.03 27.16
N THR B 51 4.50 1.58 28.09
CA THR B 51 5.29 0.78 29.03
C THR B 51 4.78 1.11 30.45
N VAL B 52 4.42 0.08 31.21
CA VAL B 52 3.94 0.25 32.56
C VAL B 52 4.89 -0.50 33.50
N MET B 53 4.89 -0.10 34.77
CA MET B 53 5.62 -0.88 35.78
C MET B 53 4.63 -1.82 36.51
N LEU B 54 4.86 -3.11 36.35
CA LEU B 54 4.08 -4.15 37.03
C LEU B 54 4.92 -4.74 38.20
N GLY B 55 4.57 -4.38 39.43
CA GLY B 55 5.41 -4.70 40.57
C GLY B 55 6.72 -3.95 40.38
N THR B 56 7.81 -4.70 40.22
N THR B 56 7.80 -4.71 40.22
CA THR B 56 9.13 -4.14 39.97
CA THR B 56 9.14 -4.17 39.97
C THR B 56 9.62 -4.40 38.51
C THR B 56 9.59 -4.31 38.50
N ALA B 57 8.72 -4.87 37.65
CA ALA B 57 9.09 -5.18 36.24
C ALA B 57 8.59 -4.10 35.29
N ALA B 58 9.47 -3.60 34.42
CA ALA B 58 9.00 -2.68 33.36
C ALA B 58 8.45 -3.57 32.27
N VAL B 59 7.20 -3.32 31.86
CA VAL B 59 6.56 -4.13 30.83
C VAL B 59 6.09 -3.22 29.68
N LYS B 60 6.64 -3.45 28.51
CA LYS B 60 6.24 -2.76 27.29
C LYS B 60 5.09 -3.52 26.59
N ALA B 61 4.01 -2.80 26.35
CA ALA B 61 2.91 -3.36 25.54
C ALA B 61 3.13 -2.84 24.15
N GLN B 62 3.13 -3.74 23.18
CA GLN B 62 3.29 -3.37 21.79
C GLN B 62 1.97 -3.82 21.14
N ILE B 63 1.11 -2.85 20.88
CA ILE B 63 -0.28 -3.14 20.56
C ILE B 63 -0.53 -2.81 19.11
N TRP B 64 -0.97 -3.83 18.35
CA TRP B 64 -1.11 -3.78 16.89
C TRP B 64 -2.57 -3.49 16.52
N ASP B 65 -2.78 -2.91 15.35
CA ASP B 65 -4.09 -2.42 14.92
C ASP B 65 -4.15 -2.56 13.41
N THR B 66 -5.32 -2.99 12.90
CA THR B 66 -5.56 -2.95 11.45
C THR B 66 -7.09 -2.89 11.31
N ALA B 67 -7.58 -2.64 10.09
CA ALA B 67 -9.04 -2.58 9.86
C ALA B 67 -9.67 -3.93 10.20
N GLY B 68 -10.87 -3.89 10.75
CA GLY B 68 -11.61 -5.14 11.07
C GLY B 68 -12.33 -5.74 9.88
N LEU B 69 -11.59 -6.28 8.95
CA LEU B 69 -12.22 -6.75 7.71
C LEU B 69 -12.36 -8.24 7.80
N GLU B 70 -13.52 -8.75 7.45
CA GLU B 70 -13.70 -10.20 7.52
C GLU B 70 -13.00 -11.02 6.42
N ARG B 71 -12.84 -10.44 5.24
CA ARG B 71 -12.24 -11.19 4.11
C ARG B 71 -10.79 -11.64 4.36
N TYR B 72 -10.37 -12.64 3.59
CA TYR B 72 -8.94 -13.10 3.59
C TYR B 72 -7.98 -11.93 3.31
N ARG B 73 -6.94 -11.80 4.13
CA ARG B 73 -5.86 -10.86 3.84
C ARG B 73 -4.48 -11.54 4.06
N ALA B 74 -3.50 -11.12 3.27
CA ALA B 74 -2.14 -11.68 3.36
C ALA B 74 -1.48 -11.46 4.73
N ILE B 75 -1.84 -10.34 5.39
CA ILE B 75 -1.20 -9.93 6.64
C ILE B 75 -1.73 -10.66 7.88
N THR B 76 -2.79 -11.47 7.74
CA THR B 76 -3.42 -12.06 8.90
C THR B 76 -2.47 -12.92 9.77
N SER B 77 -1.74 -13.83 9.14
CA SER B 77 -0.76 -14.65 9.94
C SER B 77 0.27 -13.86 10.70
N ALA B 78 0.92 -12.93 10.00
CA ALA B 78 1.95 -12.10 10.61
C ALA B 78 1.37 -11.12 11.67
N TYR B 79 0.10 -10.66 11.47
CA TYR B 79 -0.60 -9.86 12.44
C TYR B 79 -0.72 -10.58 13.79
N TYR B 80 -1.19 -11.82 13.75
CA TYR B 80 -1.36 -12.62 14.95
C TYR B 80 -0.06 -13.27 15.45
N ARG B 81 0.96 -13.41 14.57
CA ARG B 81 2.20 -14.08 14.93
C ARG B 81 2.90 -13.52 16.15
N GLY B 82 3.10 -14.40 17.15
CA GLY B 82 3.77 -14.03 18.38
C GLY B 82 2.93 -13.24 19.37
N ALA B 83 1.63 -13.03 19.10
CA ALA B 83 0.80 -12.24 20.01
C ALA B 83 0.51 -13.01 21.32
N VAL B 84 0.71 -12.35 22.46
CA VAL B 84 0.42 -13.03 23.75
C VAL B 84 -0.86 -12.46 24.36
N GLY B 85 -1.48 -11.50 23.66
CA GLY B 85 -2.67 -10.89 24.21
C GLY B 85 -3.52 -10.38 23.08
N ALA B 86 -4.83 -10.26 23.33
CA ALA B 86 -5.81 -9.77 22.34
C ALA B 86 -6.96 -9.07 23.06
N LEU B 87 -7.40 -7.95 22.50
CA LEU B 87 -8.66 -7.35 22.87
C LEU B 87 -9.58 -7.50 21.62
N LEU B 88 -10.71 -8.18 21.83
CA LEU B 88 -11.68 -8.48 20.78
C LEU B 88 -12.87 -7.58 21.08
N VAL B 89 -12.96 -6.52 20.30
CA VAL B 89 -13.79 -5.38 20.64
C VAL B 89 -15.07 -5.40 19.75
N PHE B 90 -16.20 -5.17 20.41
CA PHE B 90 -17.47 -4.93 19.72
C PHE B 90 -17.99 -3.61 20.25
N ASP B 91 -18.96 -3.04 19.51
CA ASP B 91 -19.63 -1.79 19.85
C ASP B 91 -20.92 -2.23 20.58
N LEU B 92 -21.06 -1.81 21.83
CA LEU B 92 -22.28 -2.22 22.58
C LEU B 92 -23.56 -1.51 22.07
N THR B 93 -23.39 -0.58 21.15
CA THR B 93 -24.49 0.19 20.50
C THR B 93 -24.92 -0.49 19.16
N LYS B 94 -24.22 -1.56 18.78
CA LYS B 94 -24.40 -2.18 17.46
C LYS B 94 -24.40 -3.71 17.61
N HIS B 95 -25.60 -4.32 17.68
CA HIS B 95 -25.68 -5.74 17.99
C HIS B 95 -24.97 -6.63 16.94
N GLN B 96 -25.02 -6.23 15.69
CA GLN B 96 -24.28 -6.97 14.63
C GLN B 96 -22.79 -7.19 15.01
N THR B 97 -22.18 -6.20 15.67
CA THR B 97 -20.74 -6.28 16.03
C THR B 97 -20.47 -7.32 17.13
N TYR B 98 -21.50 -7.59 17.94
CA TYR B 98 -21.38 -8.55 18.99
C TYR B 98 -21.70 -9.94 18.47
N ALA B 99 -22.70 -10.03 17.61
CA ALA B 99 -23.16 -11.35 17.08
C ALA B 99 -22.01 -12.08 16.40
N VAL B 100 -21.16 -11.28 15.74
CA VAL B 100 -20.05 -11.74 14.91
C VAL B 100 -18.77 -12.04 15.69
N VAL B 101 -18.82 -11.84 17.02
CA VAL B 101 -17.67 -12.01 17.93
C VAL B 101 -17.14 -13.44 18.01
N GLU B 102 -18.05 -14.43 17.94
CA GLU B 102 -17.59 -15.84 17.89
C GLU B 102 -16.77 -16.13 16.63
N ARG B 103 -16.99 -15.35 15.57
CA ARG B 103 -16.25 -15.51 14.29
C ARG B 103 -14.82 -14.98 14.43
N TRP B 104 -14.65 -13.95 15.27
CA TRP B 104 -13.35 -13.32 15.43
C TRP B 104 -12.54 -14.20 16.34
N LEU B 105 -13.19 -14.70 17.40
CA LEU B 105 -12.61 -15.65 18.33
C LEU B 105 -12.16 -16.88 17.54
N LYS B 106 -12.92 -17.25 16.52
CA LYS B 106 -12.51 -18.37 15.64
C LYS B 106 -11.20 -18.07 14.93
N GLU B 107 -11.08 -16.85 14.42
CA GLU B 107 -9.88 -16.45 13.69
C GLU B 107 -8.73 -16.38 14.65
N LEU B 108 -8.98 -15.78 15.82
CA LEU B 108 -7.90 -15.62 16.78
C LEU B 108 -7.28 -16.99 17.03
N TYR B 109 -8.09 -17.95 17.47
CA TYR B 109 -7.59 -19.32 17.79
C TYR B 109 -6.95 -20.09 16.61
N ASP B 110 -7.35 -19.77 15.37
CA ASP B 110 -6.69 -20.33 14.18
C ASP B 110 -5.26 -19.84 13.93
N HIS B 111 -4.93 -18.65 14.43
CA HIS B 111 -3.65 -18.05 14.13
C HIS B 111 -2.86 -17.79 15.37
N ALA B 112 -3.59 -17.59 16.47
CA ALA B 112 -3.03 -17.21 17.74
C ALA B 112 -2.29 -18.38 18.37
N GLU B 113 -1.24 -18.09 19.14
N GLU B 113 -1.26 -18.06 19.14
CA GLU B 113 -0.61 -19.14 19.92
CA GLU B 113 -0.60 -18.99 20.04
C GLU B 113 -1.45 -19.50 21.14
C GLU B 113 -1.58 -19.56 21.08
N ALA B 114 -1.26 -20.75 21.58
CA ALA B 114 -2.12 -21.42 22.56
C ALA B 114 -2.34 -20.63 23.86
N THR B 115 -1.31 -19.96 24.36
CA THR B 115 -1.39 -19.31 25.65
C THR B 115 -1.97 -17.86 25.63
N ILE B 116 -2.46 -17.42 24.48
CA ILE B 116 -2.96 -16.05 24.36
C ILE B 116 -4.02 -15.70 25.42
N VAL B 117 -3.83 -14.53 26.03
CA VAL B 117 -4.75 -13.96 26.98
C VAL B 117 -5.73 -13.09 26.18
N VAL B 118 -7.03 -13.38 26.31
CA VAL B 118 -8.08 -12.73 25.52
C VAL B 118 -9.09 -11.98 26.38
N MET B 119 -9.34 -10.72 26.05
CA MET B 119 -10.37 -9.96 26.72
C MET B 119 -11.45 -9.50 25.74
N LEU B 120 -12.72 -9.82 26.02
N LEU B 120 -12.71 -9.79 26.08
CA LEU B 120 -13.81 -9.34 25.18
CA LEU B 120 -13.87 -9.29 25.35
C LEU B 120 -14.20 -7.94 25.69
C LEU B 120 -14.07 -7.85 25.76
N VAL B 121 -14.21 -6.95 24.79
CA VAL B 121 -14.42 -5.53 25.15
C VAL B 121 -15.66 -4.97 24.49
N GLY B 122 -16.58 -4.43 25.28
CA GLY B 122 -17.75 -3.75 24.66
C GLY B 122 -17.46 -2.28 24.75
N ASN B 123 -17.16 -1.65 23.62
CA ASN B 123 -16.71 -0.25 23.56
C ASN B 123 -17.89 0.71 23.33
N LYS B 124 -17.71 1.99 23.60
CA LYS B 124 -18.76 3.02 23.42
C LYS B 124 -19.78 3.02 24.58
N SER B 125 -19.30 2.71 25.79
CA SER B 125 -20.19 2.67 27.00
C SER B 125 -20.78 4.05 27.28
N ASP B 126 -20.21 5.08 26.67
CA ASP B 126 -20.68 6.45 26.87
C ASP B 126 -22.02 6.67 26.15
N LEU B 127 -22.33 5.79 25.19
CA LEU B 127 -23.60 5.81 24.46
C LEU B 127 -24.58 4.81 25.10
N SER B 128 -24.84 4.95 26.40
CA SER B 128 -25.66 3.94 27.11
C SER B 128 -27.12 3.96 26.57
N GLN B 129 -27.56 5.14 26.12
CA GLN B 129 -28.90 5.30 25.53
C GLN B 129 -29.14 4.52 24.26
N ALA B 130 -28.07 4.23 23.52
CA ALA B 130 -28.23 3.49 22.26
C ALA B 130 -27.79 2.03 22.34
N ARG B 131 -27.59 1.56 23.56
CA ARG B 131 -27.18 0.23 23.87
C ARG B 131 -28.02 -0.82 23.16
N GLU B 132 -27.35 -1.80 22.54
CA GLU B 132 -28.04 -2.96 22.02
C GLU B 132 -27.50 -4.30 22.51
N VAL B 133 -26.53 -4.29 23.42
CA VAL B 133 -25.99 -5.55 24.01
C VAL B 133 -25.97 -5.45 25.54
N PRO B 134 -26.89 -6.20 26.20
CA PRO B 134 -26.84 -6.29 27.66
C PRO B 134 -25.48 -6.78 28.16
N THR B 135 -24.96 -6.10 29.19
CA THR B 135 -23.73 -6.51 29.86
C THR B 135 -23.74 -8.00 30.18
N GLU B 136 -24.87 -8.45 30.74
CA GLU B 136 -25.06 -9.85 31.13
C GLU B 136 -24.86 -10.91 30.05
N GLU B 137 -25.46 -10.73 28.87
CA GLU B 137 -25.30 -11.67 27.76
C GLU B 137 -23.80 -11.76 27.40
N ALA B 138 -23.11 -10.61 27.43
CA ALA B 138 -21.72 -10.54 26.96
C ALA B 138 -20.81 -11.11 28.01
N ARG B 139 -21.14 -10.91 29.27
CA ARG B 139 -20.32 -11.40 30.39
C ARG B 139 -20.36 -12.90 30.37
N MET B 140 -21.53 -13.44 30.13
CA MET B 140 -21.69 -14.91 30.22
C MET B 140 -20.98 -15.60 29.06
N PHE B 141 -21.11 -15.04 27.87
CA PHE B 141 -20.38 -15.56 26.72
C PHE B 141 -18.88 -15.54 27.05
N ALA B 142 -18.42 -14.46 27.69
CA ALA B 142 -17.01 -14.36 28.01
C ALA B 142 -16.62 -15.45 29.02
N GLU B 143 -17.42 -15.59 30.08
CA GLU B 143 -17.19 -16.59 31.14
C GLU B 143 -17.20 -18.01 30.57
N ASN B 144 -18.15 -18.30 29.66
CA ASN B 144 -18.23 -19.61 28.97
C ASN B 144 -17.00 -19.92 28.12
N ASN B 145 -16.42 -18.89 27.49
CA ASN B 145 -15.26 -19.11 26.63
C ASN B 145 -13.88 -18.83 27.26
N GLY B 146 -13.86 -18.64 28.59
CA GLY B 146 -12.61 -18.39 29.31
C GLY B 146 -11.93 -17.06 28.94
N LEU B 147 -12.72 -16.08 28.51
CA LEU B 147 -12.22 -14.75 28.17
C LEU B 147 -12.53 -13.74 29.27
N LEU B 148 -11.65 -12.75 29.42
CA LEU B 148 -11.91 -11.61 30.27
C LEU B 148 -13.02 -10.75 29.64
N PHE B 149 -13.64 -9.89 30.43
CA PHE B 149 -14.67 -9.03 29.87
C PHE B 149 -14.71 -7.69 30.53
N LEU B 150 -14.81 -6.61 29.74
CA LEU B 150 -15.06 -5.22 30.24
C LEU B 150 -15.83 -4.37 29.22
N GLU B 151 -16.47 -3.30 29.71
CA GLU B 151 -17.07 -2.33 28.86
C GLU B 151 -16.25 -1.06 28.99
N THR B 152 -15.94 -0.41 27.87
CA THR B 152 -15.04 0.74 27.88
C THR B 152 -15.63 1.88 27.12
N SER B 153 -15.04 3.06 27.25
CA SER B 153 -15.34 4.15 26.30
C SER B 153 -14.00 4.76 25.96
N ALA B 154 -13.51 4.64 24.71
CA ALA B 154 -12.30 5.36 24.26
C ALA B 154 -12.53 6.88 24.35
N LEU B 155 -13.80 7.25 24.21
CA LEU B 155 -14.20 8.66 24.18
C LEU B 155 -14.01 9.36 25.55
N ASP B 156 -14.66 8.83 26.57
CA ASP B 156 -14.60 9.42 27.94
C ASP B 156 -13.50 8.85 28.86
N SER B 157 -12.87 7.77 28.36
CA SER B 157 -11.82 7.00 29.04
C SER B 157 -12.21 5.76 29.87
N THR B 158 -13.50 5.50 30.12
CA THR B 158 -13.88 4.53 31.18
C THR B 158 -13.29 3.17 30.87
N ASN B 159 -12.53 2.64 31.84
CA ASN B 159 -12.02 1.25 31.82
C ASN B 159 -10.93 0.97 30.77
N VAL B 160 -10.53 1.98 30.05
CA VAL B 160 -9.54 1.72 28.97
C VAL B 160 -8.17 1.30 29.54
N GLU B 161 -7.57 2.12 30.40
CA GLU B 161 -6.36 1.66 31.14
C GLU B 161 -6.59 0.30 31.80
N LEU B 162 -7.74 0.11 32.46
CA LEU B 162 -8.01 -1.15 33.18
C LEU B 162 -8.06 -2.33 32.24
N ALA B 163 -8.66 -2.12 31.07
CA ALA B 163 -8.76 -3.19 30.11
C ALA B 163 -7.36 -3.63 29.67
N PHE B 164 -6.53 -2.69 29.19
CA PHE B 164 -5.19 -3.07 28.67
C PHE B 164 -4.29 -3.56 29.83
N GLU B 165 -4.41 -2.92 30.97
CA GLU B 165 -3.54 -3.32 32.10
C GLU B 165 -3.89 -4.71 32.65
N THR B 166 -5.17 -5.08 32.66
CA THR B 166 -5.61 -6.42 33.12
C THR B 166 -5.11 -7.52 32.20
N VAL B 167 -5.14 -7.26 30.90
CA VAL B 167 -4.52 -8.19 29.97
C VAL B 167 -3.02 -8.33 30.25
N LEU B 168 -2.33 -7.20 30.44
CA LEU B 168 -0.88 -7.27 30.61
C LEU B 168 -0.52 -8.05 31.92
N LYS B 169 -1.31 -7.81 32.95
CA LYS B 169 -1.14 -8.51 34.25
C LYS B 169 -1.26 -10.02 34.11
N GLU B 170 -2.30 -10.47 33.40
CA GLU B 170 -2.55 -11.91 33.15
C GLU B 170 -1.46 -12.53 32.30
N ILE B 171 -0.98 -11.76 31.32
CA ILE B 171 0.16 -12.21 30.52
C ILE B 171 1.36 -12.35 31.45
N PHE B 172 1.71 -11.24 32.12
CA PHE B 172 2.76 -11.23 33.11
C PHE B 172 2.68 -12.37 34.14
N ALA B 173 1.48 -12.69 34.64
CA ALA B 173 1.33 -13.80 35.62
C ALA B 173 1.81 -15.14 35.02
N LYS B 174 1.49 -15.35 33.74
CA LYS B 174 1.86 -16.57 33.02
C LYS B 174 3.35 -16.65 32.72
N VAL B 175 3.91 -15.56 32.20
CA VAL B 175 5.31 -15.54 31.74
C VAL B 175 6.30 -15.59 32.92
N ARG C 12 -29.79 21.61 -20.50
CA ARG C 12 -31.14 21.14 -20.99
C ARG C 12 -31.54 19.83 -20.32
N SER C 13 -32.84 19.59 -20.25
CA SER C 13 -33.39 18.38 -19.64
C SER C 13 -32.96 17.06 -20.34
N LEU C 14 -32.42 16.11 -19.58
CA LEU C 14 -31.97 14.85 -20.17
C LEU C 14 -33.15 13.92 -20.31
N THR C 15 -33.15 13.19 -21.40
CA THR C 15 -34.18 12.23 -21.62
C THR C 15 -33.94 11.04 -20.73
N TYR C 16 -34.90 10.12 -20.76
CA TYR C 16 -34.84 8.95 -19.91
C TYR C 16 -33.60 8.18 -20.34
N GLU C 17 -33.44 8.04 -21.65
CA GLU C 17 -32.35 7.27 -22.17
C GLU C 17 -31.01 7.90 -21.91
N GLU C 18 -30.93 9.23 -21.93
CA GLU C 18 -29.71 9.87 -21.59
C GLU C 18 -29.39 9.61 -20.12
N VAL C 19 -30.37 9.70 -19.23
CA VAL C 19 -30.10 9.42 -17.78
C VAL C 19 -29.65 7.96 -17.54
N LEU C 20 -30.31 7.05 -18.24
N LEU C 20 -30.36 7.04 -18.20
CA LEU C 20 -30.04 5.61 -18.16
CA LEU C 20 -30.04 5.62 -18.16
C LEU C 20 -28.67 5.26 -18.72
C LEU C 20 -28.60 5.46 -18.59
N GLN C 21 -28.24 5.98 -19.76
CA GLN C 21 -26.85 5.78 -20.27
C GLN C 21 -25.82 6.23 -19.23
N GLU C 22 -26.10 7.35 -18.57
CA GLU C 22 -25.20 7.89 -17.54
C GLU C 22 -25.10 6.89 -16.37
N LEU C 23 -26.23 6.27 -16.04
CA LEU C 23 -26.26 5.30 -14.96
C LEU C 23 -25.41 4.10 -15.36
N VAL C 24 -25.64 3.59 -16.57
CA VAL C 24 -24.84 2.46 -17.09
C VAL C 24 -23.33 2.81 -17.08
N LYS C 25 -22.99 3.99 -17.57
CA LYS C 25 -21.59 4.40 -17.55
C LYS C 25 -21.07 4.44 -16.11
N HIS C 26 -21.87 4.98 -15.20
CA HIS C 26 -21.40 5.03 -13.79
C HIS C 26 -21.26 3.65 -13.15
N LYS C 27 -22.14 2.73 -13.54
CA LYS C 27 -22.02 1.36 -13.02
C LYS C 27 -20.68 0.76 -13.44
N GLU C 28 -20.27 0.95 -14.70
CA GLU C 28 -19.02 0.37 -15.14
C GLU C 28 -17.82 1.03 -14.50
N LEU C 29 -17.90 2.35 -14.32
CA LEU C 29 -16.82 3.06 -13.64
C LEU C 29 -16.67 2.58 -12.19
N LEU C 30 -17.80 2.37 -11.51
CA LEU C 30 -17.79 1.85 -10.14
C LEU C 30 -17.10 0.47 -10.10
N ARG C 31 -17.39 -0.38 -11.09
CA ARG C 31 -16.79 -1.67 -11.10
C ARG C 31 -15.26 -1.58 -11.23
N ARG C 32 -14.79 -0.76 -12.16
CA ARG C 32 -13.37 -0.51 -12.39
C ARG C 32 -12.73 0.06 -11.13
N LYS C 33 -13.41 0.99 -10.47
CA LYS C 33 -12.83 1.62 -9.27
C LYS C 33 -12.68 0.61 -8.12
N ASP C 34 -13.69 -0.29 -7.99
CA ASP C 34 -13.68 -1.35 -6.96
C ASP C 34 -12.56 -2.34 -7.20
N THR C 35 -12.38 -2.70 -8.48
CA THR C 35 -11.25 -3.53 -8.92
C THR C 35 -9.93 -2.91 -8.53
N HIS C 36 -9.78 -1.64 -8.84
CA HIS C 36 -8.50 -1.03 -8.57
C HIS C 36 -8.26 -0.78 -7.07
N ILE C 37 -9.32 -0.51 -6.32
CA ILE C 37 -9.18 -0.44 -4.85
C ILE C 37 -8.57 -1.77 -4.28
N ARG C 38 -9.10 -2.88 -4.79
CA ARG C 38 -8.61 -4.20 -4.30
C ARG C 38 -7.20 -4.46 -4.76
N GLU C 39 -6.87 -4.06 -5.99
CA GLU C 39 -5.44 -4.10 -6.42
C GLU C 39 -4.56 -3.29 -5.46
N LEU C 40 -4.98 -2.10 -5.08
CA LEU C 40 -4.14 -1.27 -4.13
C LEU C 40 -4.03 -1.90 -2.75
N GLU C 41 -5.14 -2.44 -2.29
CA GLU C 41 -5.22 -3.09 -0.96
C GLU C 41 -4.38 -4.37 -0.95
N ASP C 42 -4.46 -5.16 -2.02
CA ASP C 42 -3.59 -6.34 -2.18
C ASP C 42 -2.09 -5.96 -2.27
N TYR C 43 -1.74 -4.91 -3.03
CA TYR C 43 -0.37 -4.46 -3.01
C TYR C 43 0.08 -4.14 -1.54
N ILE C 44 -0.70 -3.34 -0.85
CA ILE C 44 -0.39 -2.93 0.51
C ILE C 44 -0.15 -4.19 1.40
N ASP C 45 -1.08 -5.11 1.33
CA ASP C 45 -0.99 -6.29 2.16
C ASP C 45 0.25 -7.13 1.87
N ASN C 46 0.55 -7.33 0.59
CA ASN C 46 1.75 -8.09 0.21
C ASN C 46 3.00 -7.37 0.69
N LEU C 47 3.08 -6.06 0.44
CA LEU C 47 4.20 -5.24 0.98
C LEU C 47 4.33 -5.31 2.55
N LEU C 48 3.22 -5.17 3.26
CA LEU C 48 3.25 -5.18 4.75
C LEU C 48 3.73 -6.57 5.31
N VAL C 49 3.50 -7.63 4.56
CA VAL C 49 3.96 -8.98 5.03
C VAL C 49 5.48 -8.89 5.10
N ARG C 50 6.10 -8.27 4.07
CA ARG C 50 7.53 -8.21 3.99
C ARG C 50 8.00 -7.26 5.08
N VAL C 51 7.36 -6.10 5.25
CA VAL C 51 7.75 -5.16 6.24
C VAL C 51 7.67 -5.77 7.62
N MET C 52 6.56 -6.49 7.91
CA MET C 52 6.29 -7.00 9.29
C MET C 52 7.38 -8.01 9.66
N GLU C 53 7.77 -8.82 8.68
CA GLU C 53 8.82 -9.81 8.82
C GLU C 53 10.25 -9.27 8.86
N GLU C 54 10.55 -8.19 8.12
CA GLU C 54 11.93 -7.62 8.08
C GLU C 54 12.20 -6.43 8.94
N THR C 55 11.31 -5.45 8.91
CA THR C 55 11.54 -4.25 9.65
C THR C 55 10.27 -3.63 10.17
N PRO C 56 9.69 -4.29 11.17
CA PRO C 56 8.37 -3.92 11.66
C PRO C 56 8.37 -2.53 12.30
N SER C 57 9.55 -2.00 12.73
CA SER C 57 9.60 -0.64 13.35
C SER C 57 9.05 0.45 12.44
N ILE C 58 9.08 0.17 11.14
CA ILE C 58 8.49 1.10 10.15
C ILE C 58 7.02 1.32 10.41
N LEU C 59 6.35 0.33 11.02
CA LEU C 59 4.91 0.41 11.24
C LEU C 59 4.55 1.10 12.57
N ARG C 60 5.56 1.62 13.29
CA ARG C 60 5.25 2.23 14.59
C ARG C 60 4.61 3.59 14.48
N VAL C 61 3.61 3.83 15.31
CA VAL C 61 2.95 5.17 15.45
C VAL C 61 3.11 5.72 16.90
N PRO C 62 3.76 6.90 17.05
CA PRO C 62 4.47 7.65 16.00
C PRO C 62 5.76 6.99 15.52
N TYR C 63 6.11 7.30 14.27
CA TYR C 63 7.32 6.81 13.63
C TYR C 63 8.59 7.44 14.26
N GLU C 64 9.60 6.58 14.52
CA GLU C 64 10.91 6.96 15.11
C GLU C 64 12.04 6.28 14.33
N PRO C 65 12.45 6.81 13.15
CA PRO C 65 13.56 6.34 12.26
C PRO C 65 14.73 5.60 12.92
N ARG D 12 -39.33 -4.86 -12.61
CA ARG D 12 -40.16 -3.61 -12.64
C ARG D 12 -39.52 -2.50 -13.49
N SER D 13 -40.30 -1.88 -14.36
CA SER D 13 -39.76 -0.85 -15.24
C SER D 13 -39.56 0.40 -14.42
N LEU D 14 -38.31 0.73 -14.12
CA LEU D 14 -38.02 1.92 -13.32
C LEU D 14 -38.49 3.21 -14.03
N THR D 15 -39.06 4.12 -13.27
CA THR D 15 -39.47 5.45 -13.75
C THR D 15 -38.26 6.34 -13.94
N TYR D 16 -38.43 7.46 -14.62
CA TYR D 16 -37.35 8.44 -14.78
C TYR D 16 -36.78 8.83 -13.46
N GLU D 17 -37.64 9.12 -12.47
CA GLU D 17 -37.14 9.52 -11.17
C GLU D 17 -36.36 8.44 -10.41
N GLU D 18 -36.80 7.21 -10.56
CA GLU D 18 -36.07 6.09 -9.97
C GLU D 18 -34.69 5.89 -10.61
N VAL D 19 -34.59 6.09 -11.93
CA VAL D 19 -33.28 6.01 -12.62
C VAL D 19 -32.36 7.13 -12.16
N LEU D 20 -32.88 8.33 -12.11
CA LEU D 20 -32.12 9.46 -11.74
C LEU D 20 -31.61 9.32 -10.30
N GLN D 21 -32.46 8.76 -9.44
CA GLN D 21 -32.05 8.59 -8.02
C GLN D 21 -30.89 7.57 -7.89
N GLU D 22 -31.02 6.45 -8.62
CA GLU D 22 -29.95 5.48 -8.78
C GLU D 22 -28.66 6.16 -9.34
N LEU D 23 -28.80 7.01 -10.37
CA LEU D 23 -27.64 7.78 -10.85
C LEU D 23 -27.00 8.67 -9.80
N VAL D 24 -27.80 9.50 -9.11
CA VAL D 24 -27.29 10.42 -8.05
C VAL D 24 -26.55 9.58 -7.00
N LYS D 25 -27.12 8.44 -6.62
CA LYS D 25 -26.47 7.57 -5.61
C LYS D 25 -25.08 7.04 -6.05
N HIS D 26 -24.98 6.61 -7.32
CA HIS D 26 -23.73 6.20 -7.93
C HIS D 26 -22.72 7.33 -7.99
N LYS D 27 -23.18 8.53 -8.34
CA LYS D 27 -22.28 9.66 -8.38
C LYS D 27 -21.66 9.87 -7.02
N GLU D 28 -22.46 9.72 -6.00
CA GLU D 28 -21.98 9.90 -4.65
C GLU D 28 -21.00 8.79 -4.25
N LEU D 29 -21.39 7.54 -4.46
CA LEU D 29 -20.48 6.39 -4.32
C LEU D 29 -19.17 6.63 -5.05
N LEU D 30 -19.19 7.11 -6.29
CA LEU D 30 -17.93 7.39 -7.00
C LEU D 30 -17.02 8.39 -6.34
N ARG D 31 -17.59 9.49 -5.84
CA ARG D 31 -16.77 10.45 -5.15
C ARG D 31 -16.06 9.81 -3.96
N ARG D 32 -16.78 8.99 -3.19
CA ARG D 32 -16.15 8.36 -1.99
C ARG D 32 -15.08 7.32 -2.37
N LYS D 33 -15.29 6.66 -3.49
CA LYS D 33 -14.35 5.64 -3.96
C LYS D 33 -13.04 6.30 -4.45
N ASP D 34 -13.19 7.45 -5.09
CA ASP D 34 -12.07 8.27 -5.53
C ASP D 34 -11.23 8.81 -4.34
N THR D 35 -11.91 9.32 -3.32
CA THR D 35 -11.22 9.72 -2.12
C THR D 35 -10.50 8.52 -1.49
N HIS D 36 -11.17 7.39 -1.35
CA HIS D 36 -10.54 6.20 -0.78
C HIS D 36 -9.30 5.78 -1.61
N ILE D 37 -9.43 5.73 -2.93
CA ILE D 37 -8.26 5.42 -3.78
C ILE D 37 -7.06 6.34 -3.51
N ARG D 38 -7.35 7.64 -3.37
CA ARG D 38 -6.23 8.51 -3.12
C ARG D 38 -5.68 8.30 -1.72
N GLU D 39 -6.53 7.95 -0.74
CA GLU D 39 -6.03 7.64 0.59
C GLU D 39 -5.07 6.44 0.58
N LEU D 40 -5.44 5.43 -0.19
CA LEU D 40 -4.64 4.20 -0.37
C LEU D 40 -3.31 4.53 -1.06
N GLU D 41 -3.36 5.36 -2.11
CA GLU D 41 -2.15 5.80 -2.87
C GLU D 41 -1.18 6.61 -1.98
N ASP D 42 -1.73 7.54 -1.20
CA ASP D 42 -0.93 8.29 -0.25
C ASP D 42 -0.29 7.42 0.85
N TYR D 43 -1.08 6.50 1.43
CA TYR D 43 -0.55 5.51 2.35
C TYR D 43 0.65 4.78 1.71
N ILE D 44 0.45 4.23 0.48
CA ILE D 44 1.49 3.53 -0.20
C ILE D 44 2.76 4.35 -0.36
N ASP D 45 2.59 5.62 -0.73
CA ASP D 45 3.73 6.46 -1.01
C ASP D 45 4.48 6.75 0.29
N ASN D 46 3.70 7.02 1.33
CA ASN D 46 4.34 7.32 2.60
C ASN D 46 5.08 6.10 3.15
N LEU D 47 4.45 4.92 3.10
CA LEU D 47 5.16 3.69 3.48
C LEU D 47 6.41 3.37 2.67
N LEU D 48 6.31 3.54 1.34
CA LEU D 48 7.45 3.26 0.50
C LEU D 48 8.63 4.20 0.81
N VAL D 49 8.35 5.41 1.23
CA VAL D 49 9.43 6.34 1.54
C VAL D 49 10.27 5.71 2.65
N ARG D 50 9.60 5.22 3.66
CA ARG D 50 10.28 4.60 4.76
C ARG D 50 10.96 3.31 4.37
N VAL D 51 10.34 2.49 3.55
CA VAL D 51 10.94 1.26 3.09
C VAL D 51 12.21 1.58 2.28
N MET D 52 12.10 2.56 1.43
CA MET D 52 13.21 2.91 0.57
C MET D 52 14.38 3.43 1.39
N GLU D 53 14.09 4.02 2.54
CA GLU D 53 15.14 4.57 3.40
C GLU D 53 15.80 3.52 4.25
N GLU D 54 15.04 2.62 4.78
CA GLU D 54 15.53 1.66 5.73
C GLU D 54 15.79 0.29 5.19
N THR D 55 14.95 -0.17 4.29
CA THR D 55 15.14 -1.52 3.79
C THR D 55 14.67 -1.82 2.38
N PRO D 56 15.41 -1.24 1.43
CA PRO D 56 15.03 -1.15 0.02
C PRO D 56 14.99 -2.45 -0.65
N SER D 57 15.65 -3.46 -0.09
CA SER D 57 15.71 -4.77 -0.69
C SER D 57 14.32 -5.44 -0.69
N ILE D 58 13.45 -4.95 0.17
CA ILE D 58 12.03 -5.35 0.17
C ILE D 58 11.39 -5.10 -1.19
N LEU D 59 11.88 -4.11 -1.92
CA LEU D 59 11.24 -3.76 -3.20
C LEU D 59 11.84 -4.53 -4.43
N ARG D 60 12.78 -5.46 -4.18
CA ARG D 60 13.41 -6.19 -5.28
C ARG D 60 12.48 -7.18 -5.94
N VAL D 61 12.53 -7.27 -7.28
CA VAL D 61 11.74 -8.26 -8.03
C VAL D 61 12.69 -9.10 -8.86
N PRO D 62 12.70 -10.46 -8.65
CA PRO D 62 11.93 -11.22 -7.62
C PRO D 62 12.46 -10.98 -6.21
N TYR D 63 11.61 -11.21 -5.23
CA TYR D 63 11.98 -10.94 -3.83
C TYR D 63 12.92 -12.02 -3.25
N GLU D 64 14.03 -11.56 -2.64
CA GLU D 64 14.95 -12.40 -1.81
C GLU D 64 14.93 -12.02 -0.30
N PRO D 65 14.19 -12.78 0.55
CA PRO D 65 14.22 -12.60 2.04
C PRO D 65 15.57 -12.88 2.72
MG MG E . 4.74 0.03 -15.19
PG GNP F . 3.02 2.54 -16.12
O1G GNP F . 1.60 3.00 -16.01
O2G GNP F . 3.38 1.48 -15.06
O3G GNP F . 3.98 3.75 -16.13
N3B GNP F . 3.18 1.83 -17.62
PB GNP F . 4.51 1.11 -18.15
O1B GNP F . 5.28 2.12 -18.92
O2B GNP F . 5.20 0.29 -17.13
O3A GNP F . 3.96 0.18 -19.41
PA GNP F . 3.86 -1.44 -19.38
O1A GNP F . 5.22 -2.00 -19.47
O2A GNP F . 2.96 -1.91 -18.36
O5' GNP F . 3.26 -1.66 -20.85
C5' GNP F . 1.90 -1.19 -21.17
C4' GNP F . 1.34 -1.99 -22.41
O4' GNP F . 2.20 -2.02 -23.56
C3' GNP F . 1.15 -3.45 -21.90
O3' GNP F . -0.08 -4.11 -22.34
C2' GNP F . 2.41 -4.12 -22.40
O2' GNP F . 2.22 -5.56 -22.65
C1' GNP F . 2.55 -3.49 -23.72
N9 GNP F . 3.91 -3.36 -24.18
C8 GNP F . 4.99 -2.91 -23.48
N7 GNP F . 5.98 -2.91 -24.31
C5 GNP F . 5.61 -3.37 -25.54
C6 GNP F . 6.28 -3.59 -26.79
O6 GNP F . 7.49 -3.37 -26.97
N1 GNP F . 5.55 -4.07 -27.88
C2 GNP F . 4.18 -4.34 -27.72
N2 GNP F . 3.47 -4.81 -28.79
N3 GNP F . 3.57 -4.08 -26.51
C4 GNP F . 4.26 -3.63 -25.44
C1 GOL G . 6.25 -14.50 -22.30
O1 GOL G . 5.78 -13.25 -22.73
C2 GOL G . 7.72 -14.24 -21.94
O2 GOL G . 7.70 -13.91 -20.57
C3 GOL G . 8.59 -15.50 -22.10
O3 GOL G . 9.93 -15.02 -22.21
C1 GOL H . 0.32 3.96 -5.99
O1 GOL H . 0.92 3.73 -7.24
C2 GOL H . 1.22 4.90 -5.23
O2 GOL H . 2.51 4.32 -5.44
C3 GOL H . 1.18 6.30 -5.88
O3 GOL H . 0.28 6.28 -6.96
C1 GOL I . 9.30 9.06 -11.51
O1 GOL I . 9.43 9.69 -12.77
C2 GOL I . 7.99 9.37 -10.78
O2 GOL I . 7.97 10.65 -10.17
C3 GOL I . 6.83 9.19 -11.74
O3 GOL I . 5.65 9.49 -11.04
P PO4 J . 23.34 -6.37 -27.52
O1 PO4 J . 24.16 -6.52 -28.79
O2 PO4 J . 22.10 -5.58 -27.81
O3 PO4 J . 22.95 -7.73 -27.00
O4 PO4 J . 24.16 -5.60 -26.51
P PO4 K . 9.42 17.23 -27.69
O1 PO4 K . 9.29 17.33 -26.16
O2 PO4 K . 8.07 16.95 -28.30
O3 PO4 K . 9.91 18.54 -28.30
O4 PO4 K . 10.37 16.10 -27.98
MG MG L . -9.18 1.40 12.87
PG GNP M . -11.76 0.03 11.48
O1G GNP M . -12.34 0.26 10.13
O2G GNP M . -10.43 0.59 11.37
O3G GNP M . -11.64 -1.51 11.89
N3B GNP M . -12.55 0.91 12.73
PB GNP M . -12.07 1.04 14.28
O1B GNP M . -12.57 -0.08 15.02
O2B GNP M . -10.62 1.32 14.29
O3A GNP M . -12.97 2.31 14.84
PA GNP M . -12.40 3.77 15.15
O1A GNP M . -11.56 3.89 16.36
O2A GNP M . -11.89 4.38 13.91
O5' GNP M . -13.78 4.49 15.62
C5' GNP M . -14.93 4.58 14.71
C4' GNP M . -15.87 5.75 15.21
O4' GNP M . -16.28 5.51 16.57
C3' GNP M . -15.09 7.05 15.21
O3' GNP M . -15.92 8.13 14.69
C2' GNP M . -14.77 7.24 16.66
O2' GNP M . -14.61 8.66 16.96
C1' GNP M . -15.96 6.63 17.33
N9 GNP M . -15.64 5.97 18.58
C8 GNP M . -14.62 5.13 18.89
N7 GNP M . -14.69 4.83 20.22
C5 GNP M . -15.75 5.49 20.72
C6 GNP M . -16.32 5.60 21.98
O6 GNP M . -15.93 5.00 22.99
N1 GNP M . -17.47 6.40 22.11
C2 GNP M . -18.00 7.13 21.05
N2 GNP M . -19.09 7.87 21.30
N3 GNP M . -17.44 7.06 19.84
C4 GNP M . -16.35 6.22 19.66
C1 GOL N . -5.11 -1.86 3.26
O1 GOL N . -6.12 -1.44 4.15
C2 GOL N . -5.12 -3.40 3.24
O2 GOL N . -4.61 -3.71 4.52
C3 GOL N . -6.61 -3.81 3.29
O3 GOL N . -6.77 -5.22 3.19
C1 GOL O . -6.73 -9.54 10.18
O1 GOL O . -7.06 -10.76 9.58
C2 GOL O . -8.02 -9.14 10.83
O2 GOL O . -7.82 -9.07 12.22
C3 GOL O . -8.57 -7.83 10.29
O3 GOL O . -8.81 -8.01 8.91
#